data_2B1P
#
_entry.id   2B1P
#
_cell.length_a   50.336
_cell.length_b   71.935
_cell.length_c   107.306
_cell.angle_alpha   90.000
_cell.angle_beta   90.000
_cell.angle_gamma   90.000
#
_symmetry.space_group_name_H-M   'P 21 21 21'
#
loop_
_entity.id
_entity.type
_entity.pdbx_description
1 polymer 'Mitogen-activated protein kinase 10'
2 non-polymer 'SULFATE ION'
3 non-polymer '3-{6-[(2-CHLOROPHENYL)AMINO]-1H-INDAZOL-3-YL}-5-{[4-(DIMETHYLAMINO)BUTANOYL]AMINO}BENZOIC ACID'
4 non-polymer BETA-MERCAPTOETHANOL
5 water water
#
_entity_poly.entity_id   1
_entity_poly.type   'polypeptide(L)'
_entity_poly.pdbx_seq_one_letter_code
;NQFYSVEVGDSTFTVLKRYQNLKPIGSGAQGIVCAAYDAVLDRNVAIKKLSRPFQNQTHAKRAYRELVLMKCVNHKNIIS
LLNVFTPQKTLEEFQDVYLVMELMDANLCQVIQMELDHERMSYLLYQMLCGIKHLHSAGIIHRDLKPSNIVVKSDCTLKI
LDFGLARTAGTSFMMTPYVVTRYYRAPEVILGMGYKENVDIWSVGCIMGEMVRHKILFPGRDYIDQWNKVIEQLGTPCPE
FMKKLQPTVRNYVENRPKYAGLTFPKLFPDSLFPADSEHNKLKASQARDLLSKMLVIDPAKRISVDDALQHPYINVWYDP
AEVEAPPPQIYDKQLDEREHTIEEWKELIYKEVMN
;
_entity_poly.pdbx_strand_id   A
#
loop_
_chem_comp.id
_chem_comp.type
_chem_comp.name
_chem_comp.formula
AIZ non-polymer '3-{6-[(2-CHLOROPHENYL)AMINO]-1H-INDAZOL-3-YL}-5-{[4-(DIMETHYLAMINO)BUTANOYL]AMINO}BENZOIC ACID' 'C26 H26 Cl N5 O3'
BME non-polymer BETA-MERCAPTOETHANOL 'C2 H6 O S'
SO4 non-polymer 'SULFATE ION' 'O4 S -2'
#
# COMPACT_ATOMS: atom_id res chain seq x y z
N ASN A 1 -33.01 -18.43 8.17
CA ASN A 1 -31.53 -18.28 8.10
C ASN A 1 -31.11 -16.84 7.82
N GLN A 2 -30.02 -16.41 8.48
CA GLN A 2 -29.48 -15.05 8.30
C GLN A 2 -28.69 -14.83 7.01
N PHE A 3 -28.45 -15.90 6.25
CA PHE A 3 -27.51 -15.91 5.12
C PHE A 3 -28.21 -16.35 3.85
N TYR A 4 -27.67 -15.92 2.71
CA TYR A 4 -28.02 -16.48 1.39
C TYR A 4 -26.77 -16.60 0.55
N SER A 5 -26.82 -17.41 -0.50
CA SER A 5 -25.64 -17.66 -1.32
C SER A 5 -25.87 -17.28 -2.77
N VAL A 6 -24.88 -16.63 -3.37
CA VAL A 6 -25.01 -16.22 -4.75
C VAL A 6 -23.67 -16.36 -5.44
N GLU A 7 -23.72 -16.49 -6.76
CA GLU A 7 -22.56 -16.73 -7.58
C GLU A 7 -22.13 -15.39 -8.15
N VAL A 8 -20.97 -14.90 -7.69
CA VAL A 8 -20.40 -13.67 -8.20
C VAL A 8 -19.03 -13.97 -8.79
N GLY A 9 -18.86 -13.66 -10.07
CA GLY A 9 -17.66 -14.05 -10.81
C GLY A 9 -17.61 -15.56 -10.86
N ASP A 10 -16.50 -16.13 -10.40
CA ASP A 10 -16.35 -17.59 -10.36
C ASP A 10 -16.59 -18.15 -8.96
N SER A 11 -16.77 -17.27 -7.97
CA SER A 11 -16.87 -17.66 -6.57
C SER A 11 -18.30 -17.59 -6.07
N THR A 12 -18.57 -18.36 -5.00
CA THR A 12 -19.84 -18.32 -4.29
C THR A 12 -19.68 -17.46 -3.06
N PHE A 13 -20.56 -16.47 -2.94
CA PHE A 13 -20.59 -15.59 -1.78
C PHE A 13 -21.80 -15.99 -0.94
N THR A 14 -21.56 -16.35 0.31
CA THR A 14 -22.62 -16.64 1.27
C THR A 14 -22.56 -15.54 2.32
N VAL A 15 -23.53 -14.62 2.27
CA VAL A 15 -23.44 -13.34 3.02
C VAL A 15 -24.69 -13.01 3.83
N LEU A 16 -24.57 -12.13 4.82
CA LEU A 16 -25.77 -11.66 5.51
C LEU A 16 -26.80 -11.06 4.53
N LYS A 17 -28.08 -11.31 4.79
CA LYS A 17 -29.16 -10.82 3.94
C LYS A 17 -29.26 -9.31 3.81
N ARG A 18 -28.68 -8.56 4.76
CA ARG A 18 -28.56 -7.12 4.65
C ARG A 18 -27.78 -6.66 3.43
N TYR A 19 -26.84 -7.50 2.96
CA TYR A 19 -26.01 -7.17 1.78
C TYR A 19 -26.68 -7.71 0.53
N GLN A 20 -27.03 -6.82 -0.41
CA GLN A 20 -27.84 -7.12 -1.59
C GLN A 20 -27.17 -6.58 -2.86
N ASN A 21 -27.61 -7.11 -4.00
CA ASN A 21 -27.18 -6.65 -5.31
C ASN A 21 -25.68 -6.79 -5.49
N LEU A 22 -25.12 -7.91 -5.04
CA LEU A 22 -23.68 -8.15 -5.15
C LEU A 22 -23.19 -8.07 -6.58
N LYS A 23 -22.08 -7.37 -6.79
CA LYS A 23 -21.45 -7.26 -8.10
C LYS A 23 -19.93 -7.31 -7.94
N PRO A 24 -19.25 -8.02 -8.85
CA PRO A 24 -17.81 -8.18 -8.69
C PRO A 24 -17.09 -6.88 -8.96
N ILE A 25 -15.98 -6.66 -8.27
CA ILE A 25 -15.17 -5.47 -8.52
C ILE A 25 -13.69 -5.81 -8.59
N GLY A 26 -12.99 -5.07 -9.45
CA GLY A 26 -11.54 -5.17 -9.62
C GLY A 26 -11.05 -6.49 -10.19
N SER A 27 -9.87 -6.89 -9.72
CA SER A 27 -9.21 -8.13 -10.11
C SER A 27 -8.63 -8.80 -8.85
N GLY A 28 -7.60 -9.65 -9.01
CA GLY A 28 -6.90 -10.25 -7.88
C GLY A 28 -7.67 -11.42 -7.30
N GLY A 31 -7.76 -9.79 -4.48
CA GLY A 31 -8.52 -10.89 -3.87
C GLY A 31 -9.90 -11.04 -4.48
N ILE A 32 -10.78 -11.77 -3.78
CA ILE A 32 -12.17 -11.97 -4.19
C ILE A 32 -13.06 -10.95 -3.49
N VAL A 33 -13.43 -9.87 -4.18
CA VAL A 33 -14.16 -8.78 -3.57
C VAL A 33 -15.43 -8.46 -4.36
N CYS A 34 -16.48 -8.06 -3.64
CA CYS A 34 -17.79 -7.68 -4.19
C CYS A 34 -18.25 -6.32 -3.74
N ALA A 35 -18.94 -5.63 -4.63
CA ALA A 35 -19.73 -4.45 -4.29
C ALA A 35 -21.10 -4.92 -3.85
N ALA A 36 -21.67 -4.26 -2.84
CA ALA A 36 -22.98 -4.62 -2.39
C ALA A 36 -23.69 -3.41 -1.82
N TYR A 37 -25.02 -3.45 -1.84
CA TYR A 37 -25.81 -2.50 -1.06
C TYR A 37 -26.12 -3.06 0.33
N ASP A 38 -25.82 -2.29 1.38
CA ASP A 38 -26.14 -2.67 2.75
C ASP A 38 -27.43 -1.95 3.19
N ALA A 39 -28.48 -2.74 3.34
CA ALA A 39 -29.84 -2.25 3.64
C ALA A 39 -30.00 -1.76 5.08
N VAL A 40 -29.07 -2.14 5.94
CA VAL A 40 -29.13 -1.78 7.34
C VAL A 40 -28.50 -0.40 7.54
N LEU A 41 -27.35 -0.19 6.89
CA LEU A 41 -26.67 1.09 6.95
C LEU A 41 -27.18 2.06 5.88
N ASP A 42 -27.87 1.54 4.86
CA ASP A 42 -28.28 2.31 3.68
C ASP A 42 -27.08 2.98 3.00
N ARG A 43 -26.13 2.14 2.64
CA ARG A 43 -25.01 2.60 1.86
C ARG A 43 -24.31 1.44 1.20
N ASN A 44 -23.45 1.79 0.23
CA ASN A 44 -22.74 0.79 -0.56
C ASN A 44 -21.46 0.37 0.14
N VAL A 45 -21.22 -0.94 0.13
CA VAL A 45 -20.07 -1.49 0.81
C VAL A 45 -19.29 -2.39 -0.14
N ALA A 46 -18.04 -2.68 0.25
CA ALA A 46 -17.25 -3.74 -0.41
C ALA A 46 -17.14 -4.92 0.53
N ILE A 47 -17.29 -6.13 0.00
CA ILE A 47 -17.21 -7.35 0.79
C ILE A 47 -16.08 -8.23 0.28
N LYS A 48 -15.08 -8.48 1.11
CA LYS A 48 -13.97 -9.37 0.75
C LYS A 48 -14.16 -10.79 1.31
N LYS A 49 -14.09 -11.80 0.44
CA LYS A 49 -14.15 -13.21 0.85
C LYS A 49 -12.74 -13.79 1.00
N LEU A 50 -12.35 -14.19 2.21
CA LEU A 50 -11.12 -14.94 2.40
C LEU A 50 -11.48 -16.44 2.42
N SER A 51 -11.14 -17.17 1.37
CA SER A 51 -11.42 -18.60 1.33
C SER A 51 -10.35 -19.35 2.09
N ARG A 52 -10.76 -20.08 3.12
CA ARG A 52 -9.86 -20.96 3.86
C ARG A 52 -8.55 -20.24 4.15
N PRO A 53 -8.61 -19.13 4.94
CA PRO A 53 -7.42 -18.36 5.21
C PRO A 53 -6.32 -19.14 5.95
N PHE A 54 -6.72 -20.25 6.56
CA PHE A 54 -5.83 -21.17 7.31
C PHE A 54 -5.20 -22.26 6.40
N GLN A 55 -5.35 -22.14 5.08
CA GLN A 55 -4.89 -23.20 4.16
C GLN A 55 -3.37 -23.45 4.11
N ASN A 56 -2.61 -22.45 4.50
CA ASN A 56 -1.18 -22.58 4.73
C ASN A 56 -0.71 -21.46 5.69
N GLN A 57 0.46 -21.62 6.28
CA GLN A 57 0.91 -20.76 7.39
C GLN A 57 1.20 -19.32 6.96
N THR A 58 1.55 -19.15 5.69
CA THR A 58 1.69 -17.83 5.07
C THR A 58 0.39 -17.05 4.90
N HIS A 59 -0.58 -17.62 4.22
CA HIS A 59 -1.93 -17.03 4.15
C HIS A 59 -2.48 -16.74 5.55
N ALA A 60 -2.31 -17.72 6.43
CA ALA A 60 -2.89 -17.66 7.76
C ALA A 60 -2.34 -16.53 8.61
N LYS A 61 -1.01 -16.40 8.64
CA LYS A 61 -0.30 -15.33 9.37
C LYS A 61 -0.76 -13.95 8.90
N ARG A 62 -0.84 -13.78 7.58
CA ARG A 62 -1.34 -12.54 6.98
C ARG A 62 -2.81 -12.22 7.33
N ALA A 63 -3.68 -13.21 7.22
CA ALA A 63 -5.10 -12.99 7.50
C ALA A 63 -5.27 -12.61 8.95
N TYR A 64 -4.62 -13.38 9.82
CA TYR A 64 -4.69 -13.13 11.25
C TYR A 64 -4.14 -11.77 11.60
N ARG A 65 -2.93 -11.49 11.13
CA ARG A 65 -2.30 -10.21 11.42
C ARG A 65 -3.15 -9.03 10.96
N GLU A 66 -3.70 -9.13 9.76
CA GLU A 66 -4.47 -8.03 9.23
C GLU A 66 -5.80 -7.85 9.97
N LEU A 67 -6.44 -8.95 10.33
CA LEU A 67 -7.70 -8.89 11.06
C LEU A 67 -7.50 -8.16 12.39
N VAL A 68 -6.42 -8.51 13.07
CA VAL A 68 -6.08 -7.95 14.38
C VAL A 68 -5.74 -6.47 14.28
N LEU A 69 -4.98 -6.08 13.27
CA LEU A 69 -4.62 -4.67 13.08
C LEU A 69 -5.80 -3.81 12.60
N MET A 70 -6.68 -4.35 11.76
CA MET A 70 -7.87 -3.59 11.33
C MET A 70 -8.73 -3.17 12.51
N LYS A 71 -8.77 -4.01 13.54
CA LYS A 71 -9.40 -3.67 14.82
C LYS A 71 -8.62 -2.57 15.55
N CYS A 72 -7.29 -2.67 15.58
CA CYS A 72 -6.40 -1.70 16.24
C CYS A 72 -6.65 -0.25 15.83
N VAL A 73 -6.52 -0.03 14.53
CA VAL A 73 -6.18 1.27 13.94
C VAL A 73 -7.38 2.21 13.83
N ASN A 74 -7.16 3.52 13.73
CA ASN A 74 -8.30 4.43 13.53
C ASN A 74 -7.99 5.70 12.75
N HIS A 75 -8.07 5.65 11.42
CA HIS A 75 -7.67 6.78 10.62
C HIS A 75 -8.38 6.77 9.30
N LYS A 76 -8.85 7.93 8.84
CA LYS A 76 -9.60 7.99 7.57
C LYS A 76 -8.84 7.58 6.32
N ASN A 77 -7.52 7.55 6.36
CA ASN A 77 -6.72 7.04 5.23
C ASN A 77 -6.27 5.58 5.37
N ILE A 78 -6.80 4.88 6.37
CA ILE A 78 -6.54 3.45 6.57
C ILE A 78 -7.90 2.76 6.59
N ILE A 79 -7.94 1.57 6.01
CA ILE A 79 -9.10 0.70 6.06
C ILE A 79 -9.65 0.61 7.49
N SER A 80 -10.96 0.70 7.59
CA SER A 80 -11.68 0.46 8.83
C SER A 80 -12.85 -0.43 8.46
N LEU A 81 -12.94 -1.56 9.13
CA LEU A 81 -13.93 -2.57 8.88
C LEU A 81 -15.29 -2.17 9.45
N LEU A 82 -16.33 -2.30 8.64
CA LEU A 82 -17.72 -2.15 9.08
C LEU A 82 -18.27 -3.43 9.74
N ASN A 83 -17.82 -4.58 9.28
CA ASN A 83 -18.39 -5.86 9.72
C ASN A 83 -17.45 -7.01 9.30
N VAL A 84 -17.51 -8.11 10.04
CA VAL A 84 -16.73 -9.32 9.79
C VAL A 84 -17.64 -10.49 10.14
N PHE A 85 -17.71 -11.52 9.29
CA PHE A 85 -18.56 -12.66 9.59
C PHE A 85 -18.14 -13.92 8.87
N THR A 86 -18.59 -15.04 9.40
CA THR A 86 -18.52 -16.32 8.70
C THR A 86 -19.91 -16.94 8.65
N PRO A 87 -20.31 -17.54 7.52
CA PRO A 87 -21.57 -18.27 7.51
C PRO A 87 -21.50 -19.63 8.24
N GLN A 88 -20.31 -20.08 8.62
CA GLN A 88 -20.18 -21.39 9.27
C GLN A 88 -20.38 -21.28 10.77
N LYS A 89 -21.05 -22.30 11.32
CA LYS A 89 -21.60 -22.24 12.66
C LYS A 89 -20.67 -22.82 13.74
N THR A 90 -19.62 -23.52 13.33
CA THR A 90 -18.70 -24.15 14.26
C THR A 90 -17.27 -24.10 13.72
N LEU A 91 -16.31 -24.31 14.62
CA LEU A 91 -14.90 -24.37 14.24
C LEU A 91 -14.62 -25.48 13.23
N GLU A 92 -15.24 -26.66 13.40
CA GLU A 92 -15.05 -27.79 12.48
C GLU A 92 -15.65 -27.50 11.11
N GLU A 93 -16.72 -26.72 11.08
CA GLU A 93 -17.34 -26.36 9.82
C GLU A 93 -16.68 -25.12 9.19
N PHE A 94 -15.97 -24.33 10.00
CA PHE A 94 -15.36 -23.06 9.56
C PHE A 94 -14.55 -23.18 8.27
N GLN A 95 -14.87 -22.33 7.30
CA GLN A 95 -14.27 -22.36 5.98
C GLN A 95 -13.83 -20.97 5.52
N ASP A 96 -14.71 -19.97 5.66
CA ASP A 96 -14.51 -18.66 5.05
C ASP A 96 -14.78 -17.50 6.00
N VAL A 97 -14.11 -16.39 5.70
CA VAL A 97 -14.29 -15.13 6.43
C VAL A 97 -14.62 -14.05 5.43
N TYR A 98 -15.63 -13.23 5.78
CA TYR A 98 -16.08 -12.12 4.97
C TYR A 98 -15.79 -10.84 5.71
N LEU A 99 -15.21 -9.87 5.02
CA LEU A 99 -14.79 -8.60 5.64
C LEU A 99 -15.54 -7.54 4.87
N VAL A 100 -16.07 -6.54 5.57
CA VAL A 100 -16.91 -5.54 4.93
C VAL A 100 -16.35 -4.16 5.23
N MET A 101 -16.24 -3.34 4.18
CA MET A 101 -15.81 -1.95 4.35
C MET A 101 -16.51 -1.02 3.36
N GLU A 102 -16.22 0.27 3.46
CA GLU A 102 -16.76 1.27 2.52
C GLU A 102 -16.44 0.93 1.08
N LEU A 103 -17.43 1.12 0.20
CA LEU A 103 -17.22 0.98 -1.23
C LEU A 103 -16.69 2.28 -1.80
N MET A 104 -15.48 2.24 -2.36
CA MET A 104 -14.84 3.42 -2.93
C MET A 104 -15.17 3.50 -4.42
N ASP A 105 -14.42 4.27 -5.21
CA ASP A 105 -14.78 4.44 -6.63
C ASP A 105 -13.80 3.83 -7.61
N ALA A 106 -12.58 3.52 -7.17
CA ALA A 106 -11.49 3.08 -8.04
C ALA A 106 -10.28 2.68 -7.19
N ASN A 107 -9.40 1.87 -7.73
CA ASN A 107 -8.10 1.64 -7.12
C ASN A 107 -7.05 2.56 -7.71
N LEU A 108 -5.92 2.69 -6.99
CA LEU A 108 -4.94 3.71 -7.36
C LEU A 108 -4.24 3.43 -8.70
N CYS A 109 -4.20 2.17 -9.14
CA CYS A 109 -3.66 1.86 -10.45
C CYS A 109 -4.46 2.50 -11.58
N GLN A 110 -5.76 2.62 -11.38
CA GLN A 110 -6.63 3.26 -12.35
C GLN A 110 -6.37 4.75 -12.33
N VAL A 111 -6.21 5.32 -11.13
CA VAL A 111 -5.99 6.74 -10.97
C VAL A 111 -4.67 7.16 -11.62
N ILE A 112 -3.62 6.37 -11.41
CA ILE A 112 -2.29 6.57 -12.01
C ILE A 112 -2.35 6.69 -13.54
N GLN A 113 -3.27 5.98 -14.17
CA GLN A 113 -3.47 6.04 -15.62
C GLN A 113 -4.11 7.36 -16.10
N MET A 114 -4.56 8.20 -15.17
CA MET A 114 -5.15 9.47 -15.55
C MET A 114 -4.07 10.52 -15.72
N GLU A 115 -4.35 11.49 -16.56
CA GLU A 115 -3.58 12.70 -16.50
C GLU A 115 -4.08 13.38 -15.25
N LEU A 116 -3.22 13.50 -14.26
CA LEU A 116 -3.56 14.15 -13.01
C LEU A 116 -2.89 15.52 -12.93
N ASP A 117 -3.62 16.49 -12.39
CA ASP A 117 -3.05 17.77 -12.06
C ASP A 117 -2.25 17.65 -10.75
N HIS A 118 -1.61 18.74 -10.34
CA HIS A 118 -0.82 18.76 -9.12
C HIS A 118 -1.69 18.84 -7.88
N GLU A 119 -2.91 19.34 -8.05
CA GLU A 119 -3.87 19.41 -6.95
C GLU A 119 -4.22 17.99 -6.51
N ARG A 120 -4.54 17.14 -7.48
CA ARG A 120 -4.92 15.76 -7.20
C ARG A 120 -3.73 14.90 -6.78
N MET A 121 -2.62 14.96 -7.53
CA MET A 121 -1.46 14.16 -7.19
C MET A 121 -0.93 14.52 -5.80
N SER A 122 -0.77 15.81 -5.52
CA SER A 122 -0.29 16.22 -4.18
C SER A 122 -1.22 15.80 -3.03
N TYR A 123 -2.54 15.86 -3.25
CA TYR A 123 -3.51 15.45 -2.21
C TYR A 123 -3.50 13.94 -2.05
N LEU A 124 -3.37 13.19 -3.15
CA LEU A 124 -3.22 11.76 -3.01
C LEU A 124 -1.99 11.38 -2.18
N LEU A 125 -0.87 12.07 -2.41
CA LEU A 125 0.40 11.77 -1.76
C LEU A 125 0.37 12.20 -0.32
N TYR A 126 -0.22 13.36 -0.11
CA TYR A 126 -0.50 13.82 1.27
C TYR A 126 -1.21 12.77 2.16
N GLN A 127 -2.32 12.25 1.69
CA GLN A 127 -3.07 11.22 2.39
C GLN A 127 -2.31 9.91 2.60
N MET A 128 -1.53 9.49 1.59
CA MET A 128 -0.67 8.32 1.74
C MET A 128 0.27 8.53 2.91
N LEU A 129 0.89 9.71 2.97
CA LEU A 129 1.80 10.07 4.08
C LEU A 129 1.11 10.19 5.43
N CYS A 130 -0.15 10.67 5.46
CA CYS A 130 -0.91 10.69 6.70
C CYS A 130 -1.18 9.26 7.16
N GLY A 131 -1.61 8.40 6.23
CA GLY A 131 -1.85 7.00 6.57
C GLY A 131 -0.62 6.29 7.05
N ILE A 132 0.49 6.52 6.37
CA ILE A 132 1.74 5.91 6.74
C ILE A 132 2.22 6.38 8.10
N LYS A 133 2.11 7.67 8.35
CA LYS A 133 2.45 8.24 9.66
C LYS A 133 1.64 7.63 10.81
N HIS A 134 0.35 7.47 10.60
CA HIS A 134 -0.51 6.79 11.54
C HIS A 134 -0.06 5.35 11.83
N LEU A 135 0.23 4.58 10.78
CA LEU A 135 0.76 3.24 10.97
C LEU A 135 2.01 3.22 11.83
N HIS A 136 2.96 4.08 11.49
CA HIS A 136 4.25 4.13 12.20
C HIS A 136 4.06 4.50 13.66
N SER A 137 3.08 5.36 13.91
CA SER A 137 2.74 5.82 15.26
C SER A 137 2.23 4.66 16.14
N ALA A 138 1.67 3.64 15.51
CA ALA A 138 1.24 2.42 16.19
C ALA A 138 2.30 1.34 16.07
N GLY A 139 3.46 1.69 15.56
CA GLY A 139 4.57 0.74 15.46
C GLY A 139 4.45 -0.22 14.30
N ILE A 140 3.69 0.15 13.29
CA ILE A 140 3.51 -0.69 12.10
C ILE A 140 4.32 -0.06 10.98
N ILE A 141 5.38 -0.74 10.52
CA ILE A 141 6.14 -0.32 9.35
C ILE A 141 5.76 -1.26 8.21
N HIS A 142 5.18 -0.70 7.16
CA HIS A 142 4.47 -1.43 6.15
C HIS A 142 5.42 -2.29 5.27
N ARG A 143 6.32 -1.63 4.55
CA ARG A 143 7.33 -2.26 3.69
C ARG A 143 6.84 -2.85 2.37
N ASP A 144 5.53 -2.89 2.11
CA ASP A 144 5.04 -3.40 0.82
C ASP A 144 3.88 -2.59 0.31
N LEU A 145 4.00 -1.27 0.46
CA LEU A 145 2.95 -0.35 0.03
C LEU A 145 2.95 -0.36 -1.51
N LYS A 146 1.78 -0.49 -2.11
CA LYS A 146 1.65 -0.51 -3.55
C LYS A 146 0.28 -0.09 -4.03
N PRO A 147 0.22 0.47 -5.25
CA PRO A 147 -1.01 1.09 -5.70
C PRO A 147 -2.23 0.18 -5.70
N SER A 148 -2.05 -1.10 -5.98
CA SER A 148 -3.17 -2.04 -6.10
C SER A 148 -3.91 -2.27 -4.77
N ASN A 149 -3.21 -2.02 -3.65
CA ASN A 149 -3.80 -2.05 -2.32
C ASN A 149 -4.24 -0.68 -1.78
N ILE A 150 -4.43 0.28 -2.67
CA ILE A 150 -4.92 1.62 -2.30
C ILE A 150 -6.14 1.90 -3.16
N VAL A 151 -7.18 2.44 -2.53
CA VAL A 151 -8.44 2.73 -3.21
C VAL A 151 -8.78 4.20 -3.01
N VAL A 152 -9.56 4.73 -3.95
CA VAL A 152 -9.81 6.16 -4.02
C VAL A 152 -11.32 6.38 -4.30
N LYS A 153 -11.88 7.45 -3.76
CA LYS A 153 -13.18 7.97 -4.14
C LYS A 153 -13.07 9.11 -5.12
N SER A 154 -14.20 9.50 -5.71
CA SER A 154 -14.25 10.59 -6.68
C SER A 154 -13.78 11.93 -6.12
N ASP A 155 -14.01 12.17 -4.84
CA ASP A 155 -13.54 13.41 -4.22
C ASP A 155 -12.05 13.31 -3.84
N CYS A 156 -11.37 12.28 -4.35
CA CYS A 156 -9.92 12.07 -4.18
C CYS A 156 -9.49 11.57 -2.80
N THR A 157 -10.47 11.24 -1.96
CA THR A 157 -10.18 10.61 -0.69
C THR A 157 -9.63 9.19 -0.93
N LEU A 158 -8.65 8.81 -0.12
CA LEU A 158 -7.85 7.60 -0.33
C LEU A 158 -7.79 6.77 0.96
N LYS A 159 -7.69 5.45 0.82
CA LYS A 159 -7.53 4.55 1.94
C LYS A 159 -6.53 3.46 1.56
N ILE A 160 -5.61 3.16 2.47
CA ILE A 160 -4.67 2.05 2.29
C ILE A 160 -5.33 0.84 2.90
N LEU A 161 -5.31 -0.28 2.18
CA LEU A 161 -6.10 -1.47 2.53
C LEU A 161 -5.37 -2.60 3.26
N ASP A 162 -4.03 -2.58 3.24
CA ASP A 162 -3.27 -3.66 3.86
C ASP A 162 -2.19 -3.14 4.79
N PHE A 163 -1.55 -4.07 5.51
CA PHE A 163 -0.58 -3.71 6.56
C PHE A 163 0.83 -4.22 6.25
N GLY A 164 1.04 -4.73 5.03
CA GLY A 164 2.38 -4.95 4.54
C GLY A 164 3.01 -6.20 5.10
N LEU A 165 4.35 -6.24 5.09
CA LEU A 165 5.13 -7.33 5.70
C LEU A 165 5.24 -7.00 7.21
N THR A 181 3.82 -8.92 -6.65
CA THR A 181 4.24 -7.59 -7.17
C THR A 181 5.17 -6.88 -6.16
N ARG A 182 6.44 -6.72 -6.54
CA ARG A 182 7.49 -6.24 -5.63
C ARG A 182 8.20 -4.97 -6.09
N TYR A 183 7.64 -4.32 -7.11
CA TYR A 183 8.28 -3.16 -7.76
C TYR A 183 8.42 -1.94 -6.88
N TYR A 184 7.60 -1.87 -5.82
CA TYR A 184 7.52 -0.66 -4.96
C TYR A 184 8.35 -0.83 -3.67
N ARG A 185 9.06 -1.95 -3.56
CA ARG A 185 9.81 -2.26 -2.33
C ARG A 185 11.16 -1.58 -2.27
N ALA A 186 11.55 -1.15 -1.07
CA ALA A 186 12.74 -0.36 -0.89
C ALA A 186 14.00 -1.20 -1.03
N PRO A 187 15.12 -0.54 -1.37
CA PRO A 187 16.44 -1.19 -1.36
C PRO A 187 16.69 -2.04 -0.12
N GLU A 188 16.38 -1.53 1.07
CA GLU A 188 16.58 -2.26 2.29
C GLU A 188 15.78 -3.56 2.38
N VAL A 189 14.63 -3.61 1.73
CA VAL A 189 13.81 -4.83 1.66
C VAL A 189 14.40 -5.78 0.60
N ILE A 190 14.68 -5.23 -0.56
CA ILE A 190 15.28 -5.97 -1.66
C ILE A 190 16.61 -6.66 -1.23
N LEU A 191 17.43 -5.93 -0.48
CA LEU A 191 18.77 -6.37 -0.06
C LEU A 191 18.88 -6.95 1.37
N GLY A 192 17.79 -7.02 2.11
CA GLY A 192 17.76 -7.66 3.44
C GLY A 192 18.55 -6.89 4.51
N MET A 193 18.40 -5.56 4.49
CA MET A 193 19.31 -4.69 5.21
C MET A 193 18.93 -4.32 6.61
N GLY A 194 17.66 -4.30 6.90
CA GLY A 194 17.24 -3.59 8.11
C GLY A 194 16.80 -2.21 7.68
N TYR A 195 15.85 -1.67 8.42
CA TYR A 195 15.10 -0.53 7.96
C TYR A 195 14.59 0.29 9.14
N LYS A 196 14.24 1.53 8.85
CA LYS A 196 13.46 2.31 9.78
C LYS A 196 12.18 2.80 9.05
N GLU A 197 11.49 3.76 9.65
CA GLU A 197 10.20 4.19 9.14
C GLU A 197 10.20 4.71 7.71
N ASN A 198 11.28 5.36 7.27
CA ASN A 198 11.37 5.94 5.92
C ASN A 198 11.59 4.89 4.83
N VAL A 199 11.60 3.62 5.21
CA VAL A 199 11.45 2.52 4.19
C VAL A 199 10.20 2.73 3.30
N ASP A 200 9.11 3.18 3.89
CA ASP A 200 7.88 3.40 3.17
C ASP A 200 7.89 4.65 2.29
N ILE A 201 8.76 5.62 2.55
CA ILE A 201 8.95 6.74 1.59
C ILE A 201 9.36 6.30 0.19
N TRP A 202 10.31 5.40 0.17
CA TRP A 202 10.74 4.81 -1.08
C TRP A 202 9.53 4.48 -1.88
N SER A 203 8.61 3.67 -1.35
CA SER A 203 7.43 3.19 -2.13
C SER A 203 6.50 4.32 -2.56
N VAL A 204 6.26 5.26 -1.67
CA VAL A 204 5.52 6.48 -2.01
C VAL A 204 6.21 7.20 -3.16
N GLY A 205 7.54 7.23 -3.13
CA GLY A 205 8.31 7.83 -4.18
C GLY A 205 8.12 7.10 -5.49
N CYS A 206 8.06 5.78 -5.42
CA CYS A 206 7.82 4.94 -6.64
C CYS A 206 6.44 5.14 -7.30
N ILE A 207 5.44 5.33 -6.46
CA ILE A 207 4.07 5.64 -6.86
C ILE A 207 4.02 7.02 -7.53
N MET A 208 4.56 8.02 -6.84
CA MET A 208 4.71 9.38 -7.38
C MET A 208 5.39 9.46 -8.73
N GLY A 209 6.56 8.85 -8.85
CA GLY A 209 7.24 8.73 -10.15
C GLY A 209 6.37 8.08 -11.22
N GLU A 210 5.59 7.09 -10.80
CA GLU A 210 4.76 6.37 -11.76
C GLU A 210 3.57 7.23 -12.21
N MET A 211 3.01 8.03 -11.30
CA MET A 211 2.02 9.04 -11.67
C MET A 211 2.55 10.01 -12.73
N VAL A 212 3.83 10.33 -12.69
CA VAL A 212 4.45 11.24 -13.67
C VAL A 212 4.81 10.52 -14.99
N ARG A 213 5.45 9.36 -14.90
CA ARG A 213 5.94 8.68 -16.09
C ARG A 213 4.88 7.93 -16.83
N HIS A 214 3.84 7.54 -16.09
CA HIS A 214 2.89 6.55 -16.52
C HIS A 214 3.55 5.23 -16.91
N LYS A 215 4.70 4.92 -16.31
CA LYS A 215 5.30 3.60 -16.41
C LYS A 215 5.83 3.21 -15.04
N ILE A 216 5.76 1.94 -14.71
CA ILE A 216 6.37 1.42 -13.48
C ILE A 216 7.88 1.78 -13.50
N LEU A 217 8.39 2.37 -12.43
CA LEU A 217 9.80 2.80 -12.40
C LEU A 217 10.81 1.67 -12.42
N PHE A 218 10.55 0.60 -11.67
CA PHE A 218 11.56 -0.45 -11.48
C PHE A 218 10.93 -1.82 -11.66
N PRO A 219 10.45 -2.12 -12.89
CA PRO A 219 9.64 -3.29 -13.17
C PRO A 219 10.39 -4.62 -13.30
N GLY A 220 11.12 -5.03 -12.28
CA GLY A 220 11.86 -6.28 -12.37
C GLY A 220 11.04 -7.55 -12.18
N ARG A 221 11.39 -8.58 -12.93
CA ARG A 221 10.77 -9.90 -12.78
C ARG A 221 11.21 -10.62 -11.52
N ASP A 222 12.35 -10.19 -10.95
CA ASP A 222 12.85 -10.72 -9.69
C ASP A 222 13.69 -9.62 -9.04
N TYR A 223 14.18 -9.87 -7.82
CA TYR A 223 14.98 -8.87 -7.12
C TYR A 223 16.28 -8.46 -7.83
N ILE A 224 16.97 -9.38 -8.51
CA ILE A 224 18.19 -9.04 -9.28
C ILE A 224 17.89 -8.03 -10.38
N ASP A 225 16.81 -8.30 -11.11
CA ASP A 225 16.40 -7.46 -12.23
C ASP A 225 15.96 -6.09 -11.73
N GLN A 226 15.20 -6.10 -10.64
CA GLN A 226 14.73 -4.87 -10.00
C GLN A 226 15.88 -3.98 -9.52
N TRP A 227 16.84 -4.57 -8.79
CA TRP A 227 18.05 -3.84 -8.41
C TRP A 227 18.75 -3.29 -9.65
N ASN A 228 18.83 -4.08 -10.71
CA ASN A 228 19.47 -3.57 -11.92
C ASN A 228 18.82 -2.30 -12.44
N LYS A 229 17.50 -2.24 -12.43
CA LYS A 229 16.78 -1.07 -12.94
C LYS A 229 16.94 0.12 -12.01
N VAL A 230 17.03 -0.14 -10.72
CA VAL A 230 17.32 0.92 -9.75
C VAL A 230 18.67 1.62 -10.06
N ILE A 231 19.74 0.83 -10.10
CA ILE A 231 21.09 1.38 -10.31
C ILE A 231 21.25 2.02 -11.69
N GLU A 232 20.67 1.40 -12.73
CA GLU A 232 20.69 1.97 -14.08
C GLU A 232 20.17 3.41 -14.15
N GLN A 233 19.21 3.74 -13.31
CA GLN A 233 18.57 5.06 -13.34
C GLN A 233 19.09 6.00 -12.26
N LEU A 234 19.21 5.50 -11.04
CA LEU A 234 19.62 6.31 -9.90
C LEU A 234 21.14 6.33 -9.69
N GLY A 235 21.84 5.34 -10.26
CA GLY A 235 23.26 5.24 -10.02
C GLY A 235 23.63 4.31 -8.89
N THR A 236 24.87 3.88 -8.92
CA THR A 236 25.41 2.99 -7.94
C THR A 236 25.47 3.77 -6.63
N PRO A 237 25.01 3.19 -5.51
CA PRO A 237 25.09 3.92 -4.24
C PRO A 237 26.53 4.07 -3.73
N CYS A 238 26.73 5.00 -2.79
CA CYS A 238 28.02 5.27 -2.18
C CYS A 238 28.54 4.10 -1.34
N PRO A 239 29.87 4.06 -1.07
CA PRO A 239 30.48 3.12 -0.13
C PRO A 239 29.86 3.09 1.27
N GLU A 240 29.50 4.27 1.80
CA GLU A 240 28.77 4.36 3.07
C GLU A 240 27.55 3.45 3.09
N PHE A 241 26.82 3.41 1.97
CA PHE A 241 25.66 2.54 1.84
C PHE A 241 26.06 1.08 1.81
N MET A 242 27.09 0.78 1.02
CA MET A 242 27.53 -0.60 0.76
C MET A 242 27.94 -1.36 2.01
N LYS A 243 28.52 -0.66 2.98
CA LYS A 243 29.05 -1.34 4.15
C LYS A 243 28.00 -1.57 5.24
N LYS A 244 26.77 -1.12 4.99
CA LYS A 244 25.63 -1.46 5.83
C LYS A 244 24.98 -2.78 5.38
N LEU A 245 25.50 -3.36 4.29
CA LEU A 245 25.02 -4.63 3.74
C LEU A 245 25.78 -5.81 4.32
N GLN A 246 25.09 -6.92 4.60
CA GLN A 246 25.78 -8.15 5.04
C GLN A 246 26.77 -8.59 3.96
N PRO A 247 27.92 -9.17 4.39
CA PRO A 247 29.08 -9.31 3.49
C PRO A 247 28.83 -9.98 2.14
N THR A 248 27.93 -10.97 2.08
CA THR A 248 27.70 -11.72 0.84
C THR A 248 26.82 -10.93 -0.16
N VAL A 249 25.79 -10.26 0.35
CA VAL A 249 24.99 -9.32 -0.44
C VAL A 249 25.86 -8.13 -0.84
N ARG A 250 26.70 -7.69 0.08
CA ARG A 250 27.64 -6.63 -0.23
C ARG A 250 28.53 -7.02 -1.41
N ASN A 251 29.06 -8.24 -1.38
CA ASN A 251 29.88 -8.75 -2.50
C ASN A 251 29.15 -8.62 -3.81
N TYR A 252 27.89 -9.06 -3.83
CA TYR A 252 27.08 -9.01 -5.03
C TYR A 252 26.91 -7.59 -5.52
N VAL A 253 26.54 -6.70 -4.60
CA VAL A 253 26.19 -5.32 -4.98
C VAL A 253 27.44 -4.55 -5.44
N GLU A 254 28.56 -4.74 -4.73
CA GLU A 254 29.81 -4.07 -5.08
C GLU A 254 30.38 -4.48 -6.41
N ASN A 255 30.00 -5.66 -6.88
CA ASN A 255 30.55 -6.24 -8.11
C ASN A 255 29.62 -6.10 -9.30
N ARG A 256 28.46 -5.46 -9.13
CA ARG A 256 27.58 -5.13 -10.27
C ARG A 256 28.28 -4.12 -11.18
N PRO A 257 27.91 -4.10 -12.47
CA PRO A 257 28.34 -3.02 -13.35
C PRO A 257 27.98 -1.67 -12.76
N LYS A 258 28.94 -0.74 -12.75
CA LYS A 258 28.70 0.59 -12.17
C LYS A 258 27.97 1.54 -13.10
N TYR A 259 27.29 2.49 -12.46
CA TYR A 259 26.47 3.50 -13.11
C TYR A 259 26.60 4.84 -12.40
N ALA A 260 26.80 5.91 -13.16
CA ALA A 260 26.85 7.23 -12.55
C ALA A 260 25.45 7.66 -12.14
N GLY A 261 24.43 7.19 -12.85
CA GLY A 261 23.04 7.55 -12.58
C GLY A 261 22.65 8.81 -13.34
N LEU A 262 21.35 8.95 -13.58
CA LEU A 262 20.81 10.14 -14.22
C LEU A 262 20.28 11.16 -13.20
N THR A 263 20.36 12.44 -13.56
CA THR A 263 19.81 13.51 -12.76
C THR A 263 18.29 13.45 -12.84
N PHE A 264 17.60 14.03 -11.89
CA PHE A 264 16.15 13.93 -11.84
C PHE A 264 15.45 14.66 -12.98
N PRO A 265 16.01 15.80 -13.44
CA PRO A 265 15.43 16.37 -14.67
C PRO A 265 15.48 15.42 -15.85
N LYS A 266 16.52 14.60 -15.96
CA LYS A 266 16.59 13.61 -17.05
C LYS A 266 15.77 12.34 -16.79
N LEU A 267 15.68 11.93 -15.53
CA LEU A 267 14.76 10.86 -15.14
C LEU A 267 13.31 11.22 -15.39
N PHE A 268 12.93 12.45 -15.11
CA PHE A 268 11.55 12.92 -15.28
C PHE A 268 11.57 14.20 -16.10
N PRO A 269 11.73 14.06 -17.42
CA PRO A 269 11.81 15.22 -18.30
C PRO A 269 10.64 16.19 -18.22
N ASP A 270 10.89 17.40 -18.70
CA ASP A 270 9.89 18.47 -18.72
C ASP A 270 8.69 18.09 -19.54
N SER A 271 8.91 17.27 -20.56
CA SER A 271 7.84 16.79 -21.42
C SER A 271 6.72 16.10 -20.63
N LEU A 272 7.06 15.50 -19.49
CA LEU A 272 6.10 14.79 -18.64
C LEU A 272 5.17 15.69 -17.85
N PHE A 273 5.46 16.98 -17.81
CA PHE A 273 4.75 17.88 -16.94
C PHE A 273 4.00 18.91 -17.75
N PRO A 274 2.78 19.26 -17.28
CA PRO A 274 2.04 20.36 -17.93
C PRO A 274 2.76 21.71 -17.77
N ALA A 275 2.85 22.47 -18.86
CA ALA A 275 3.64 23.71 -18.91
C ALA A 275 2.81 24.91 -19.31
N ASP A 276 1.51 24.87 -19.04
CA ASP A 276 0.55 25.83 -19.59
C ASP A 276 0.34 27.06 -18.69
N SER A 277 0.87 27.02 -17.47
CA SER A 277 0.75 28.15 -16.55
C SER A 277 1.98 28.22 -15.65
N GLU A 278 2.15 29.35 -14.98
CA GLU A 278 3.28 29.54 -14.06
C GLU A 278 3.07 28.69 -12.81
N HIS A 279 1.82 28.56 -12.39
CA HIS A 279 1.45 27.67 -11.30
C HIS A 279 2.00 26.28 -11.53
N ASN A 280 1.75 25.74 -12.71
CA ASN A 280 2.15 24.40 -13.06
C ASN A 280 3.65 24.27 -13.27
N LYS A 281 4.29 25.34 -13.76
CA LYS A 281 5.73 25.30 -13.93
C LYS A 281 6.41 25.16 -12.59
N LEU A 282 5.93 25.92 -11.63
CA LEU A 282 6.47 25.92 -10.31
C LEU A 282 6.16 24.59 -9.60
N LYS A 283 4.91 24.14 -9.70
CA LYS A 283 4.55 22.82 -9.15
C LYS A 283 5.34 21.67 -9.74
N ALA A 284 5.73 21.74 -11.01
CA ALA A 284 6.59 20.71 -11.64
C ALA A 284 7.96 20.61 -10.97
N SER A 285 8.56 21.77 -10.75
CA SER A 285 9.89 21.87 -10.12
C SER A 285 9.83 21.39 -8.69
N GLN A 286 8.76 21.73 -7.99
CA GLN A 286 8.51 21.22 -6.63
C GLN A 286 8.32 19.70 -6.57
N ALA A 287 7.58 19.15 -7.52
CA ALA A 287 7.33 17.70 -7.61
C ALA A 287 8.62 16.93 -7.82
N ARG A 288 9.46 17.45 -8.72
CA ARG A 288 10.72 16.82 -9.04
C ARG A 288 11.70 16.89 -7.86
N ASP A 289 11.65 18.01 -7.14
CA ASP A 289 12.43 18.14 -5.92
C ASP A 289 12.01 17.04 -4.94
N LEU A 290 10.72 16.87 -4.68
CA LEU A 290 10.28 15.88 -3.73
C LEU A 290 10.66 14.48 -4.20
N LEU A 291 10.39 14.18 -5.44
CA LEU A 291 10.85 12.90 -5.99
C LEU A 291 12.33 12.64 -5.69
N SER A 292 13.19 13.63 -5.90
CA SER A 292 14.64 13.47 -5.72
C SER A 292 15.06 13.21 -4.30
N LYS A 293 14.15 13.46 -3.36
CA LYS A 293 14.39 13.27 -1.94
C LYS A 293 13.77 11.99 -1.40
N MET A 294 12.79 11.43 -2.12
CA MET A 294 12.13 10.16 -1.73
C MET A 294 12.84 8.96 -2.43
N LEU A 295 13.19 9.13 -3.70
CA LEU A 295 13.89 8.06 -4.43
C LEU A 295 15.41 8.16 -4.25
N VAL A 296 15.82 7.87 -3.02
CA VAL A 296 17.20 7.90 -2.63
C VAL A 296 17.50 6.51 -2.12
N ILE A 297 18.54 5.88 -2.63
CA ILE A 297 18.82 4.49 -2.26
C ILE A 297 19.18 4.32 -0.79
N ASP A 298 20.09 5.17 -0.27
CA ASP A 298 20.52 5.09 1.13
C ASP A 298 19.50 5.72 2.08
N PRO A 299 18.89 4.92 2.99
CA PRO A 299 17.86 5.45 3.87
C PRO A 299 18.36 6.50 4.84
N ALA A 300 19.67 6.51 5.11
CA ALA A 300 20.27 7.58 5.91
C ALA A 300 20.16 8.96 5.23
N LYS A 301 20.02 9.02 3.91
CA LYS A 301 19.91 10.31 3.23
C LYS A 301 18.54 10.56 2.58
N ARG A 302 17.62 9.61 2.74
CA ARG A 302 16.28 9.69 2.15
C ARG A 302 15.38 10.43 3.11
N ILE A 303 14.51 11.27 2.55
CA ILE A 303 13.58 12.07 3.35
C ILE A 303 12.65 11.24 4.25
N SER A 304 12.33 11.79 5.44
CA SER A 304 11.43 11.14 6.36
C SER A 304 10.01 11.52 6.03
N VAL A 305 9.08 10.84 6.68
CA VAL A 305 7.65 11.10 6.53
C VAL A 305 7.27 12.50 7.01
N ASP A 306 7.83 12.89 8.16
CA ASP A 306 7.56 14.21 8.73
C ASP A 306 8.11 15.33 7.88
N ASP A 307 9.35 15.18 7.42
CA ASP A 307 9.93 16.16 6.47
C ASP A 307 9.15 16.25 5.15
N ALA A 308 8.79 15.11 4.57
CA ALA A 308 7.93 15.07 3.36
C ALA A 308 6.59 15.80 3.52
N LEU A 309 6.00 15.72 4.73
CA LEU A 309 4.74 16.41 5.00
C LEU A 309 4.95 17.92 5.10
N GLN A 310 6.19 18.32 5.31
CA GLN A 310 6.56 19.75 5.35
C GLN A 310 7.08 20.26 4.02
N HIS A 311 7.15 19.40 2.99
CA HIS A 311 7.61 19.82 1.70
C HIS A 311 6.56 20.70 1.00
N PRO A 312 6.99 21.75 0.26
CA PRO A 312 6.03 22.68 -0.35
C PRO A 312 5.01 22.09 -1.30
N TYR A 313 5.34 20.94 -1.89
CA TYR A 313 4.42 20.23 -2.78
C TYR A 313 3.26 19.63 -1.97
N ILE A 314 3.53 19.29 -0.70
CA ILE A 314 2.60 18.59 0.13
C ILE A 314 1.95 19.49 1.20
N ASN A 315 2.73 20.43 1.76
CA ASN A 315 2.30 21.11 3.00
C ASN A 315 1.05 21.95 2.86
N VAL A 316 0.64 22.26 1.64
CA VAL A 316 -0.58 23.03 1.43
C VAL A 316 -1.80 22.34 2.03
N TRP A 317 -1.77 21.00 2.10
CA TRP A 317 -2.87 20.19 2.66
C TRP A 317 -2.77 19.93 4.15
N TYR A 318 -1.66 20.28 4.76
CA TYR A 318 -1.33 19.84 6.13
C TYR A 318 -2.39 20.23 7.17
N ASP A 319 -3.11 19.22 7.67
CA ASP A 319 -4.07 19.39 8.77
C ASP A 319 -3.63 18.51 9.99
N PRO A 320 -3.29 19.13 11.13
CA PRO A 320 -2.78 18.40 12.30
C PRO A 320 -3.70 17.29 12.82
N ALA A 321 -5.01 17.44 12.59
CA ALA A 321 -5.96 16.43 13.01
C ALA A 321 -5.80 15.16 12.18
N GLU A 322 -5.30 15.31 10.96
CA GLU A 322 -4.99 14.18 10.08
C GLU A 322 -3.56 13.68 10.29
N VAL A 323 -2.62 14.61 10.48
CA VAL A 323 -1.21 14.26 10.55
C VAL A 323 -0.84 13.70 11.94
N GLU A 324 -1.51 14.19 12.99
CA GLU A 324 -1.11 13.87 14.35
C GLU A 324 -2.26 13.22 15.13
N ALA A 325 -3.00 12.35 14.45
CA ALA A 325 -4.12 11.60 15.02
C ALA A 325 -3.60 10.50 15.95
N PRO A 326 -4.38 10.14 16.99
CA PRO A 326 -3.85 9.16 17.94
C PRO A 326 -3.99 7.72 17.41
N PRO A 327 -2.96 6.89 17.62
CA PRO A 327 -3.10 5.46 17.41
C PRO A 327 -3.62 4.79 18.67
N PRO A 328 -4.69 3.98 18.58
CA PRO A 328 -5.09 3.11 19.72
C PRO A 328 -4.10 1.95 20.05
N ASP A 336 2.53 -10.62 19.91
CA ASP A 336 3.82 -11.08 19.38
C ASP A 336 3.65 -11.70 17.97
N GLU A 337 4.72 -12.29 17.42
CA GLU A 337 4.69 -12.92 16.10
C GLU A 337 5.37 -14.30 16.06
N ARG A 338 4.61 -15.32 16.47
CA ARG A 338 5.08 -16.72 16.44
C ARG A 338 4.51 -17.43 15.21
N GLU A 339 4.88 -18.71 15.08
CA GLU A 339 4.37 -19.59 14.07
C GLU A 339 3.45 -20.64 14.69
N HIS A 340 2.51 -21.14 13.88
CA HIS A 340 1.51 -22.09 14.31
C HIS A 340 1.24 -23.07 13.20
N THR A 341 0.66 -24.22 13.54
CA THR A 341 0.18 -25.14 12.51
C THR A 341 -1.12 -24.59 11.93
N ILE A 342 -1.52 -25.10 10.77
CA ILE A 342 -2.75 -24.65 10.15
C ILE A 342 -3.96 -24.91 11.05
N GLU A 343 -3.96 -26.05 11.75
CA GLU A 343 -4.97 -26.36 12.75
C GLU A 343 -5.06 -25.21 13.79
N GLU A 344 -3.90 -24.82 14.32
CA GLU A 344 -3.79 -23.73 15.29
C GLU A 344 -4.20 -22.37 14.74
N TRP A 345 -3.84 -22.11 13.49
CA TRP A 345 -4.20 -20.85 12.83
C TRP A 345 -5.70 -20.74 12.61
N LYS A 346 -6.33 -21.86 12.26
CA LYS A 346 -7.79 -21.90 12.04
C LYS A 346 -8.55 -21.45 13.28
N GLU A 347 -8.18 -22.00 14.43
CA GLU A 347 -8.77 -21.64 15.71
C GLU A 347 -8.54 -20.17 16.10
N LEU A 348 -7.29 -19.72 15.97
CA LEU A 348 -6.93 -18.33 16.21
C LEU A 348 -7.78 -17.39 15.37
N ILE A 349 -7.83 -17.65 14.07
CA ILE A 349 -8.67 -16.86 13.18
C ILE A 349 -10.17 -16.97 13.52
N TYR A 350 -10.66 -18.17 13.79
CA TYR A 350 -12.06 -18.36 14.13
C TYR A 350 -12.40 -17.53 15.36
N LYS A 351 -11.51 -17.57 16.34
CA LYS A 351 -11.71 -16.81 17.57
C LYS A 351 -11.85 -15.32 17.26
N GLU A 352 -10.88 -14.71 16.55
CA GLU A 352 -10.96 -13.28 16.19
C GLU A 352 -12.26 -12.94 15.49
N VAL A 353 -12.69 -13.81 14.57
CA VAL A 353 -13.92 -13.56 13.82
C VAL A 353 -15.14 -13.55 14.72
N MET A 354 -15.15 -14.43 15.71
CA MET A 354 -16.26 -14.54 16.65
C MET A 354 -16.13 -13.63 17.87
N ASN A 355 -14.94 -13.08 18.10
CA ASN A 355 -14.61 -12.31 19.32
C ASN A 355 -14.55 -13.20 20.57
S SO4 B . 22.86 7.07 -2.12
O1 SO4 B . 22.13 6.49 -3.22
O2 SO4 B . 23.43 8.36 -2.52
O3 SO4 B . 21.90 7.33 -1.05
O4 SO4 B . 23.95 6.18 -1.72
C1 AIZ C . -13.25 -0.90 -3.64
C2 AIZ C . -12.52 -2.01 -3.02
C3 AIZ C . -13.38 -0.59 -5.08
N4 AIZ C . -13.84 -0.22 -2.70
C5 AIZ C . -12.75 -1.85 -1.63
C6 AIZ C . -11.71 -3.08 -3.45
C7 AIZ C . -14.53 0.07 -5.48
C8 AIZ C . -12.42 -0.96 -6.01
N9 AIZ C . -13.55 -0.76 -1.46
C10 AIZ C . -12.17 -2.74 -0.74
C11 AIZ C . -11.16 -3.95 -2.54
C12 AIZ C . -14.75 0.39 -6.80
C13 AIZ C . -12.63 -0.65 -7.36
C14 AIZ C . -11.38 -3.79 -1.16
C15 AIZ C . -13.79 0.04 -7.75
N16 AIZ C . -15.96 1.09 -7.08
C17 AIZ C . -11.59 -1.07 -8.34
N18 AIZ C . -10.86 -4.70 -0.25
C19 AIZ C . -16.68 1.07 -8.23
O20 AIZ C . -10.57 -1.59 -7.92
C21 AIZ C . -11.54 -5.05 0.92
C22 AIZ C . -17.97 1.89 -8.32
O23 AIZ C . -16.30 0.38 -9.17
C24 AIZ C . -10.79 -5.33 2.05
C25 AIZ C . -12.95 -5.07 0.98
C26 AIZ C . -18.30 2.34 -9.75
C27 AIZ C . -11.41 -5.64 3.25
CL28 AIZ C . -9.07 -5.30 1.93
C29 AIZ C . -13.57 -5.39 2.18
C30 AIZ C . -19.80 2.72 -9.89
C31 AIZ C . -12.80 -5.66 3.32
N32 AIZ C . -20.27 2.75 -11.30
C33 AIZ C . -21.65 2.22 -11.33
C34 AIZ C . -20.38 4.16 -11.74
O35 AIZ C . -11.76 -0.88 -9.67
C1 BME D . -10.65 11.34 -9.82
C2 BME D . -10.58 11.21 -8.32
O1 BME D . -10.81 12.69 -10.15
S2 BME D . -8.87 11.18 -7.73
#